data_7O34
#
_entry.id   7O34
#
_cell.length_a   82.553
_cell.length_b   112.318
_cell.length_c   62.580
_cell.angle_alpha   90.000
_cell.angle_beta   90.000
_cell.angle_gamma   90.000
#
_symmetry.space_group_name_H-M   'C 2 2 21'
#
loop_
_entity.id
_entity.type
_entity.pdbx_description
1 polymer '14-3-3 protein sigma'
2 polymer 'Transcription factor p65'
3 non-polymer [4-(4-ethylpiperazin-1-yl)sulfonylphenyl]methanol
4 non-polymer 'MAGNESIUM ION'
5 water water
#
loop_
_entity_poly.entity_id
_entity_poly.type
_entity_poly.pdbx_seq_one_letter_code
_entity_poly.pdbx_strand_id
1 'polypeptide(L)'
;GAMGSMERASLIQKAKLAEQAERYEDMAAFMKGAVEKGEELSCEERNLLSVAYKNVVGGQRAAWRVLSSIEQKSNEEGSE
EKGPEVREYREKVETELQGVCDTVLGLLDSHLIKEAGDAESRVFYLKMKGDYYRYLAEVATGDDKKRIIDSARSAYQEAM
DISKKEMPPTNPIRLGLALNFSVFHYEIANSPEEAISLAKTTFDEAMADLHTLSEDSYKDSTLIMQLLRDNLTLWT
;
A
2 'polypeptide(L)' EGRSAG(SEP)IPGRRS P
#
# COMPACT_ATOMS: atom_id res chain seq x y z
N MET A 3 5.56 -7.09 21.81
CA MET A 3 6.35 -5.96 22.26
C MET A 3 5.69 -5.22 23.41
N GLY A 4 4.85 -5.92 24.16
CA GLY A 4 4.00 -5.27 25.13
C GLY A 4 4.76 -4.61 26.27
N SER A 5 5.98 -5.08 26.56
CA SER A 5 6.74 -4.46 27.65
C SER A 5 7.60 -3.31 27.21
N MET A 6 7.65 -2.97 25.92
CA MET A 6 8.45 -1.84 25.48
C MET A 6 7.61 -0.58 25.34
N GLU A 7 8.16 0.55 25.79
CA GLU A 7 7.51 1.85 25.65
C GLU A 7 7.18 2.16 24.20
N ARG A 8 6.03 2.79 23.99
CA ARG A 8 5.66 3.27 22.66
C ARG A 8 6.78 4.08 22.02
N ALA A 9 7.34 5.05 22.77
CA ALA A 9 8.36 5.90 22.16
C ALA A 9 9.61 5.10 21.77
N SER A 10 9.95 4.09 22.57
CA SER A 10 11.09 3.25 22.25
C SER A 10 10.84 2.41 21.01
N LEU A 11 9.61 1.92 20.85
CA LEU A 11 9.26 1.18 19.64
C LEU A 11 9.39 2.06 18.40
N ILE A 12 8.93 3.31 18.48
CA ILE A 12 9.04 4.24 17.35
C ILE A 12 10.50 4.54 17.04
N GLN A 13 11.33 4.77 18.09
CA GLN A 13 12.75 5.03 17.88
CA GLN A 13 12.73 5.05 17.81
C GLN A 13 13.44 3.84 17.23
N LYS A 14 13.14 2.65 17.73
CA LYS A 14 13.74 1.44 17.15
C LYS A 14 13.27 1.16 15.74
N ALA A 15 12.02 1.49 15.42
CA ALA A 15 11.57 1.34 14.03
C ALA A 15 12.42 2.23 13.12
N LYS A 16 12.75 3.43 13.56
CA LYS A 16 13.59 4.32 12.75
C LYS A 16 15.00 3.76 12.59
N LEU A 17 15.55 3.19 13.67
CA LEU A 17 16.85 2.54 13.59
C LEU A 17 16.81 1.34 12.66
N ALA A 18 15.74 0.53 12.76
CA ALA A 18 15.62 -0.64 11.91
C ALA A 18 15.57 -0.23 10.44
N GLU A 19 14.88 0.85 10.11
CA GLU A 19 14.88 1.32 8.74
C GLU A 19 16.29 1.66 8.26
N GLN A 20 17.05 2.41 9.08
CA GLN A 20 18.43 2.75 8.68
C GLN A 20 19.31 1.52 8.51
N ALA A 21 19.08 0.48 9.31
CA ALA A 21 19.82 -0.77 9.21
C ALA A 21 19.27 -1.72 8.15
N GLU A 22 18.22 -1.31 7.44
CA GLU A 22 17.57 -2.17 6.43
C GLU A 22 17.06 -3.47 7.04
N ARG A 23 16.55 -3.39 8.25
CA ARG A 23 15.98 -4.53 8.98
C ARG A 23 14.46 -4.38 8.99
N TYR A 24 13.83 -4.72 7.86
CA TYR A 24 12.43 -4.35 7.69
C TYR A 24 11.49 -5.26 8.47
N GLU A 25 11.84 -6.52 8.65
CA GLU A 25 10.99 -7.33 9.51
C GLU A 25 10.98 -6.79 10.93
N ASP A 26 12.16 -6.43 11.45
CA ASP A 26 12.21 -5.81 12.77
C ASP A 26 11.39 -4.52 12.78
N MET A 27 11.55 -3.71 11.72
CA MET A 27 10.85 -2.44 11.67
C MET A 27 9.33 -2.65 11.73
N ALA A 28 8.84 -3.66 11.02
CA ALA A 28 7.42 -3.95 11.04
C ALA A 28 6.99 -4.44 12.42
N ALA A 29 7.80 -5.27 13.07
CA ALA A 29 7.41 -5.75 14.39
C ALA A 29 7.39 -4.61 15.41
N PHE A 30 8.33 -3.68 15.32
CA PHE A 30 8.32 -2.52 16.20
C PHE A 30 7.06 -1.68 15.97
N MET A 31 6.71 -1.46 14.68
CA MET A 31 5.54 -0.62 14.41
C MET A 31 4.23 -1.31 14.74
N LYS A 32 4.14 -2.62 14.56
CA LYS A 32 2.98 -3.35 15.04
C LYS A 32 2.83 -3.19 16.55
N GLY A 33 3.94 -3.30 17.29
CA GLY A 33 3.88 -3.05 18.72
C GLY A 33 3.40 -1.65 19.03
N ALA A 34 3.88 -0.67 18.28
CA ALA A 34 3.44 0.69 18.52
C ALA A 34 1.94 0.84 18.29
N VAL A 35 1.44 0.30 17.17
CA VAL A 35 0.01 0.40 16.89
C VAL A 35 -0.79 -0.21 18.05
N GLU A 36 -0.34 -1.37 18.52
CA GLU A 36 -1.07 -2.09 19.54
C GLU A 36 -1.09 -1.40 20.90
N LYS A 37 -0.29 -0.36 21.08
CA LYS A 37 -0.42 0.43 22.29
C LYS A 37 -1.78 1.10 22.35
N GLY A 38 -2.45 1.29 21.20
CA GLY A 38 -3.83 1.74 21.17
C GLY A 38 -3.99 3.22 20.94
N GLU A 39 -2.91 3.98 20.88
CA GLU A 39 -3.00 5.39 20.55
C GLU A 39 -3.04 5.53 19.02
N GLU A 40 -3.71 6.59 18.58
CA GLU A 40 -3.62 6.99 17.17
C GLU A 40 -2.16 7.26 16.76
N LEU A 41 -1.90 7.23 15.44
CA LEU A 41 -0.56 7.43 14.91
C LEU A 41 -0.48 8.80 14.26
N SER A 42 0.67 9.47 14.41
CA SER A 42 0.92 10.71 13.71
C SER A 42 1.25 10.42 12.24
N CYS A 43 1.42 11.48 11.46
CA CYS A 43 1.71 11.32 10.05
C CYS A 43 3.02 10.58 9.85
N GLU A 44 4.05 10.97 10.60
CA GLU A 44 5.35 10.31 10.50
C GLU A 44 5.26 8.85 10.90
N GLU A 45 4.50 8.55 11.95
CA GLU A 45 4.36 7.18 12.43
C GLU A 45 3.58 6.30 11.43
N ARG A 46 2.53 6.86 10.82
CA ARG A 46 1.82 6.15 9.76
C ARG A 46 2.76 5.78 8.63
N ASN A 47 3.62 6.72 8.25
CA ASN A 47 4.60 6.42 7.23
C ASN A 47 5.58 5.33 7.64
N LEU A 48 6.05 5.32 8.90
CA LEU A 48 6.93 4.23 9.32
C LEU A 48 6.23 2.89 9.22
N LEU A 49 4.97 2.82 9.67
CA LEU A 49 4.23 1.57 9.60
C LEU A 49 4.11 1.10 8.16
N SER A 50 3.78 2.01 7.26
CA SER A 50 3.56 1.67 5.86
C SER A 50 4.87 1.26 5.18
N VAL A 51 5.96 1.98 5.43
CA VAL A 51 7.23 1.64 4.84
C VAL A 51 7.67 0.24 5.30
N ALA A 52 7.51 -0.04 6.59
CA ALA A 52 7.96 -1.33 7.13
C ALA A 52 7.26 -2.48 6.41
N TYR A 53 5.94 -2.46 6.38
CA TYR A 53 5.22 -3.57 5.79
C TYR A 53 5.34 -3.59 4.29
N LYS A 54 5.46 -2.44 3.63
CA LYS A 54 5.64 -2.49 2.18
C LYS A 54 6.94 -3.18 1.81
N ASN A 55 7.99 -2.96 2.59
CA ASN A 55 9.25 -3.66 2.37
C ASN A 55 9.11 -5.15 2.63
N VAL A 56 8.48 -5.52 3.75
CA VAL A 56 8.33 -6.94 4.05
C VAL A 56 7.55 -7.64 2.95
N VAL A 57 6.35 -7.12 2.64
N VAL A 57 6.32 -7.16 2.68
CA VAL A 57 5.50 -7.78 1.65
CA VAL A 57 5.50 -7.77 1.63
C VAL A 57 6.12 -7.65 0.27
C VAL A 57 6.14 -7.67 0.28
N GLY A 58 6.86 -6.58 -0.01
CA GLY A 58 7.51 -6.46 -1.31
C GLY A 58 8.53 -7.57 -1.56
N GLY A 59 9.33 -7.92 -0.55
CA GLY A 59 10.22 -9.05 -0.72
C GLY A 59 9.48 -10.35 -0.92
N GLN A 60 8.39 -10.54 -0.18
CA GLN A 60 7.62 -11.77 -0.33
C GLN A 60 6.98 -11.87 -1.71
N ARG A 61 6.43 -10.75 -2.21
CA ARG A 61 5.81 -10.73 -3.53
C ARG A 61 6.84 -11.04 -4.60
N ALA A 62 8.03 -10.46 -4.48
CA ALA A 62 9.06 -10.72 -5.48
C ALA A 62 9.47 -12.18 -5.46
N ALA A 63 9.60 -12.78 -4.27
CA ALA A 63 9.92 -14.19 -4.18
C ALA A 63 8.80 -15.04 -4.76
N TRP A 64 7.57 -14.70 -4.43
CA TRP A 64 6.42 -15.45 -4.93
C TRP A 64 6.39 -15.43 -6.45
N ARG A 65 6.72 -14.29 -7.06
CA ARG A 65 6.69 -14.23 -8.52
C ARG A 65 7.79 -15.08 -9.13
N VAL A 66 8.96 -15.15 -8.50
CA VAL A 66 10.02 -16.01 -8.99
C VAL A 66 9.59 -17.47 -8.94
N LEU A 67 9.03 -17.87 -7.80
CA LEU A 67 8.66 -19.27 -7.63
C LEU A 67 7.48 -19.62 -8.52
N SER A 68 6.51 -18.70 -8.67
CA SER A 68 5.37 -18.97 -9.53
CA SER A 68 5.37 -18.97 -9.55
C SER A 68 5.79 -19.11 -10.99
N SER A 69 6.75 -18.30 -11.43
CA SER A 69 7.25 -18.42 -12.79
C SER A 69 7.90 -19.78 -13.01
N ILE A 70 8.74 -20.21 -12.07
CA ILE A 70 9.37 -21.53 -12.16
C ILE A 70 8.31 -22.63 -12.20
N GLU A 71 7.29 -22.51 -11.35
CA GLU A 71 6.22 -23.50 -11.28
C GLU A 71 5.47 -23.58 -12.61
N GLN A 72 5.14 -22.42 -13.18
CA GLN A 72 4.41 -22.38 -14.44
C GLN A 72 5.23 -23.00 -15.56
N LYS A 73 6.54 -22.78 -15.57
CA LYS A 73 7.39 -23.35 -16.62
C LYS A 73 7.48 -24.86 -16.53
N SER A 74 7.44 -25.42 -15.31
CA SER A 74 7.41 -26.87 -15.17
C SER A 74 5.99 -27.41 -15.10
N GLY A 83 8.96 -33.29 -9.23
CA GLY A 83 8.40 -33.51 -7.90
C GLY A 83 7.58 -32.36 -7.37
N PRO A 84 7.08 -32.47 -6.14
CA PRO A 84 6.21 -31.43 -5.58
C PRO A 84 6.94 -30.21 -5.00
N GLU A 85 8.28 -30.15 -5.08
CA GLU A 85 9.03 -29.18 -4.27
C GLU A 85 8.73 -27.73 -4.67
N VAL A 86 8.65 -27.44 -5.97
CA VAL A 86 8.44 -26.05 -6.37
C VAL A 86 7.07 -25.55 -5.88
N ARG A 87 6.02 -26.34 -6.11
CA ARG A 87 4.70 -25.96 -5.62
C ARG A 87 4.72 -25.85 -4.09
N GLU A 88 5.35 -26.80 -3.41
CA GLU A 88 5.38 -26.75 -1.95
C GLU A 88 6.03 -25.46 -1.47
N TYR A 89 7.15 -25.09 -2.09
CA TYR A 89 7.87 -23.92 -1.62
C TYR A 89 7.12 -22.64 -2.01
N ARG A 90 6.55 -22.59 -3.22
CA ARG A 90 5.70 -21.46 -3.58
C ARG A 90 4.55 -21.32 -2.60
N GLU A 91 3.95 -22.45 -2.19
CA GLU A 91 2.85 -22.41 -1.23
C GLU A 91 3.32 -21.88 0.12
N LYS A 92 4.52 -22.24 0.54
CA LYS A 92 4.91 -21.73 1.85
C LYS A 92 5.17 -20.23 1.81
N VAL A 93 5.83 -19.75 0.75
CA VAL A 93 6.02 -18.30 0.62
C VAL A 93 4.66 -17.61 0.53
N GLU A 94 3.72 -18.20 -0.24
CA GLU A 94 2.38 -17.64 -0.35
C GLU A 94 1.67 -17.55 1.00
N THR A 95 1.75 -18.60 1.80
CA THR A 95 1.10 -18.58 3.10
C THR A 95 1.72 -17.50 3.99
N GLU A 96 3.02 -17.35 3.92
CA GLU A 96 3.67 -16.31 4.72
C GLU A 96 3.26 -14.91 4.28
N LEU A 97 3.18 -14.69 2.96
CA LEU A 97 2.70 -13.42 2.42
C LEU A 97 1.27 -13.14 2.88
N GLN A 98 0.40 -14.15 2.77
CA GLN A 98 -0.97 -13.96 3.22
C GLN A 98 -1.01 -13.64 4.70
N GLY A 99 -0.14 -14.27 5.48
CA GLY A 99 -0.10 -13.98 6.91
C GLY A 99 0.26 -12.54 7.23
N VAL A 100 1.24 -12.00 6.51
CA VAL A 100 1.59 -10.60 6.67
C VAL A 100 0.44 -9.69 6.26
N CYS A 101 -0.19 -9.96 5.11
CA CYS A 101 -1.31 -9.14 4.71
C CYS A 101 -2.42 -9.17 5.75
N ASP A 102 -2.75 -10.37 6.24
CA ASP A 102 -3.75 -10.48 7.29
C ASP A 102 -3.37 -9.69 8.53
N THR A 103 -2.08 -9.69 8.87
CA THR A 103 -1.64 -8.94 10.05
C THR A 103 -1.88 -7.45 9.85
N VAL A 104 -1.50 -6.92 8.68
CA VAL A 104 -1.73 -5.49 8.42
C VAL A 104 -3.20 -5.18 8.43
N LEU A 105 -4.00 -6.00 7.73
CA LEU A 105 -5.42 -5.75 7.70
C LEU A 105 -6.01 -5.79 9.10
N GLY A 106 -5.49 -6.67 9.97
CA GLY A 106 -5.99 -6.73 11.33
C GLY A 106 -5.67 -5.48 12.12
N LEU A 107 -4.50 -4.90 11.91
CA LEU A 107 -4.18 -3.64 12.58
C LEU A 107 -5.11 -2.54 12.11
N LEU A 108 -5.43 -2.51 10.81
CA LEU A 108 -6.32 -1.48 10.29
C LEU A 108 -7.72 -1.67 10.84
N ASP A 109 -8.17 -2.92 10.98
CA ASP A 109 -9.50 -3.14 11.48
C ASP A 109 -9.58 -3.03 13.00
N SER A 110 -8.47 -3.18 13.71
CA SER A 110 -8.50 -3.15 15.17
C SER A 110 -7.29 -2.35 15.66
N HIS A 111 -7.39 -1.02 15.70
CA HIS A 111 -8.58 -0.24 15.41
C HIS A 111 -8.21 1.04 14.67
N LEU A 112 -7.22 0.99 13.78
CA LEU A 112 -6.71 2.23 13.20
C LEU A 112 -7.78 2.99 12.41
N ILE A 113 -8.53 2.28 11.55
CA ILE A 113 -9.50 2.98 10.69
C ILE A 113 -10.60 3.63 11.52
N LYS A 114 -11.19 2.90 12.46
CA LYS A 114 -12.35 3.47 13.13
C LYS A 114 -11.98 4.65 14.01
N GLU A 115 -10.73 4.74 14.47
CA GLU A 115 -10.28 5.89 15.24
C GLU A 115 -9.74 7.03 14.40
N ALA A 116 -9.74 6.89 13.06
CA ALA A 116 -9.17 7.89 12.15
C ALA A 116 -10.31 8.77 11.62
N GLY A 117 -10.41 9.97 12.14
CA GLY A 117 -11.49 10.88 11.85
C GLY A 117 -11.10 12.00 10.92
N ASP A 118 -9.84 12.43 10.95
CA ASP A 118 -9.55 13.42 9.94
C ASP A 118 -9.20 12.74 8.62
N ALA A 119 -9.37 13.50 7.54
CA ALA A 119 -9.31 12.89 6.21
C ALA A 119 -7.92 12.33 5.91
N GLU A 120 -6.88 13.01 6.37
CA GLU A 120 -5.53 12.54 6.06
C GLU A 120 -5.28 11.16 6.63
N SER A 121 -5.71 10.93 7.87
CA SER A 121 -5.42 9.63 8.46
C SER A 121 -6.30 8.55 7.86
N ARG A 122 -7.58 8.87 7.67
CA ARG A 122 -8.51 7.86 7.21
C ARG A 122 -8.19 7.42 5.79
N VAL A 123 -7.90 8.40 4.91
CA VAL A 123 -7.51 8.06 3.55
C VAL A 123 -6.25 7.21 3.54
N PHE A 124 -5.26 7.58 4.36
CA PHE A 124 -4.03 6.81 4.41
C PHE A 124 -4.33 5.36 4.73
N TYR A 125 -5.15 5.12 5.76
CA TYR A 125 -5.39 3.75 6.19
C TYR A 125 -6.25 2.98 5.19
N LEU A 126 -7.22 3.64 4.55
CA LEU A 126 -8.04 2.97 3.55
C LEU A 126 -7.23 2.64 2.30
N LYS A 127 -6.29 3.49 1.91
CA LYS A 127 -5.36 3.14 0.86
C LYS A 127 -4.55 1.90 1.22
N MET A 128 -4.00 1.85 2.45
CA MET A 128 -3.35 0.64 2.95
C MET A 128 -4.26 -0.57 2.83
N LYS A 129 -5.50 -0.45 3.25
CA LYS A 129 -6.41 -1.58 3.21
C LYS A 129 -6.59 -2.05 1.76
N GLY A 130 -6.77 -1.13 0.82
CA GLY A 130 -6.86 -1.52 -0.57
C GLY A 130 -5.60 -2.23 -1.07
N ASP A 131 -4.43 -1.71 -0.70
CA ASP A 131 -3.17 -2.30 -1.12
C ASP A 131 -3.03 -3.73 -0.62
N TYR A 132 -3.31 -3.97 0.68
CA TYR A 132 -3.07 -5.29 1.22
C TYR A 132 -4.10 -6.31 0.71
N TYR A 133 -5.34 -5.88 0.46
CA TYR A 133 -6.26 -6.77 -0.25
C TYR A 133 -5.81 -7.00 -1.68
N ARG A 134 -5.23 -5.98 -2.33
CA ARG A 134 -4.68 -6.19 -3.68
C ARG A 134 -3.55 -7.23 -3.68
N TYR A 135 -2.67 -7.21 -2.66
CA TYR A 135 -1.61 -8.21 -2.59
C TYR A 135 -2.21 -9.60 -2.35
N LEU A 136 -3.22 -9.71 -1.50
CA LEU A 136 -3.96 -10.97 -1.38
C LEU A 136 -4.54 -11.41 -2.73
N ALA A 137 -5.10 -10.47 -3.50
CA ALA A 137 -5.71 -10.81 -4.78
C ALA A 137 -4.67 -11.32 -5.76
N GLU A 138 -3.44 -10.81 -5.69
CA GLU A 138 -2.41 -11.24 -6.63
C GLU A 138 -2.13 -12.74 -6.55
N VAL A 139 -2.33 -13.34 -5.38
CA VAL A 139 -2.03 -14.77 -5.17
C VAL A 139 -3.28 -15.61 -5.05
N ALA A 140 -4.46 -14.99 -5.04
CA ALA A 140 -5.70 -15.74 -4.91
C ALA A 140 -6.09 -16.43 -6.21
N THR A 141 -6.62 -17.64 -6.08
CA THR A 141 -7.07 -18.39 -7.25
C THR A 141 -8.44 -19.03 -7.10
N GLY A 142 -9.01 -19.05 -5.89
CA GLY A 142 -10.15 -19.93 -5.67
C GLY A 142 -11.45 -19.26 -5.29
N ASP A 143 -12.11 -19.80 -4.28
CA ASP A 143 -13.47 -19.41 -3.93
C ASP A 143 -13.57 -17.95 -3.54
N ASP A 144 -12.48 -17.36 -3.07
CA ASP A 144 -12.51 -16.01 -2.54
C ASP A 144 -11.77 -14.99 -3.39
N LYS A 145 -11.23 -15.35 -4.56
CA LYS A 145 -10.56 -14.35 -5.38
C LYS A 145 -11.48 -13.17 -5.69
N LYS A 146 -12.72 -13.46 -6.10
CA LYS A 146 -13.68 -12.40 -6.39
C LYS A 146 -13.98 -11.55 -5.15
N ARG A 147 -14.17 -12.18 -3.98
CA ARG A 147 -14.50 -11.41 -2.80
C ARG A 147 -13.31 -10.55 -2.37
N ILE A 148 -12.09 -11.07 -2.54
CA ILE A 148 -10.91 -10.30 -2.15
C ILE A 148 -10.76 -9.10 -3.06
N ILE A 149 -10.97 -9.28 -4.36
CA ILE A 149 -10.93 -8.17 -5.28
C ILE A 149 -11.95 -7.11 -4.91
N ASP A 150 -13.16 -7.55 -4.52
CA ASP A 150 -14.16 -6.55 -4.15
C ASP A 150 -13.79 -5.80 -2.88
N SER A 151 -13.15 -6.49 -1.94
CA SER A 151 -12.68 -5.84 -0.72
C SER A 151 -11.67 -4.75 -1.04
N ALA A 152 -10.75 -5.06 -1.95
CA ALA A 152 -9.76 -4.05 -2.33
C ALA A 152 -10.45 -2.87 -2.98
N ARG A 153 -11.36 -3.16 -3.93
CA ARG A 153 -12.07 -2.11 -4.64
CA ARG A 153 -12.09 -2.11 -4.64
C ARG A 153 -12.83 -1.20 -3.67
N SER A 154 -13.55 -1.80 -2.72
CA SER A 154 -14.36 -1.02 -1.80
C SER A 154 -13.52 -0.10 -0.95
N ALA A 155 -12.38 -0.61 -0.47
CA ALA A 155 -11.49 0.23 0.34
C ALA A 155 -10.94 1.40 -0.47
N TYR A 156 -10.44 1.11 -1.66
CA TYR A 156 -9.92 2.18 -2.52
C TYR A 156 -11.01 3.18 -2.85
N GLN A 157 -12.22 2.69 -3.14
CA GLN A 157 -13.29 3.59 -3.52
C GLN A 157 -13.67 4.51 -2.37
N GLU A 158 -13.74 3.98 -1.15
CA GLU A 158 -14.06 4.85 -0.04
C GLU A 158 -12.96 5.89 0.16
N ALA A 159 -11.70 5.46 0.03
CA ALA A 159 -10.57 6.39 0.13
C ALA A 159 -10.66 7.47 -0.93
N MET A 160 -11.05 7.09 -2.15
CA MET A 160 -11.15 8.04 -3.24
C MET A 160 -12.26 9.05 -2.97
N ASP A 161 -13.40 8.57 -2.48
CA ASP A 161 -14.52 9.47 -2.22
C ASP A 161 -14.15 10.53 -1.18
N ILE A 162 -13.48 10.12 -0.10
CA ILE A 162 -13.06 11.09 0.91
C ILE A 162 -12.00 12.03 0.33
N SER A 163 -11.01 11.47 -0.37
CA SER A 163 -9.90 12.28 -0.88
C SER A 163 -10.38 13.36 -1.83
N LYS A 164 -11.34 13.04 -2.69
CA LYS A 164 -11.84 14.04 -3.63
C LYS A 164 -12.64 15.13 -2.94
N LYS A 165 -13.28 14.80 -1.82
CA LYS A 165 -14.05 15.78 -1.07
C LYS A 165 -13.15 16.66 -0.19
N GLU A 166 -12.09 16.08 0.39
CA GLU A 166 -11.40 16.71 1.50
C GLU A 166 -9.96 17.14 1.25
N MET A 167 -9.33 16.71 0.15
CA MET A 167 -7.94 17.01 -0.19
C MET A 167 -7.84 17.71 -1.52
N PRO A 168 -6.86 18.60 -1.67
CA PRO A 168 -6.57 19.17 -2.99
C PRO A 168 -6.03 18.11 -3.94
N PRO A 169 -6.16 18.34 -5.25
CA PRO A 169 -5.76 17.29 -6.19
C PRO A 169 -4.29 17.03 -6.27
N THR A 170 -3.45 17.87 -5.65
CA THR A 170 -2.02 17.63 -5.62
C THR A 170 -1.57 16.96 -4.33
N ASN A 171 -2.48 16.70 -3.39
CA ASN A 171 -2.05 16.10 -2.14
C ASN A 171 -1.36 14.77 -2.43
N PRO A 172 -0.16 14.53 -1.90
CA PRO A 172 0.56 13.30 -2.26
C PRO A 172 -0.15 12.01 -1.91
N ILE A 173 -0.87 11.96 -0.78
CA ILE A 173 -1.60 10.74 -0.47
C ILE A 173 -2.73 10.53 -1.47
N ARG A 174 -3.46 11.59 -1.80
CA ARG A 174 -4.50 11.49 -2.83
C ARG A 174 -3.91 10.98 -4.14
N LEU A 175 -2.74 11.51 -4.52
CA LEU A 175 -2.11 11.09 -5.75
C LEU A 175 -1.65 9.64 -5.70
N GLY A 176 -1.01 9.23 -4.59
CA GLY A 176 -0.59 7.83 -4.49
C GLY A 176 -1.76 6.87 -4.45
N LEU A 177 -2.83 7.26 -3.77
CA LEU A 177 -4.04 6.44 -3.79
C LEU A 177 -4.54 6.24 -5.21
N ALA A 178 -4.62 7.33 -5.98
CA ALA A 178 -5.13 7.23 -7.34
C ALA A 178 -4.20 6.38 -8.21
N LEU A 179 -2.88 6.54 -8.02
CA LEU A 179 -1.90 5.71 -8.69
C LEU A 179 -2.16 4.23 -8.40
N ASN A 180 -2.23 3.88 -7.11
CA ASN A 180 -2.37 2.47 -6.77
C ASN A 180 -3.71 1.92 -7.21
N PHE A 181 -4.79 2.72 -7.09
CA PHE A 181 -6.10 2.27 -7.55
C PHE A 181 -6.09 2.03 -9.06
N SER A 182 -5.35 2.88 -9.80
CA SER A 182 -5.25 2.69 -11.23
CA SER A 182 -5.26 2.67 -11.24
C SER A 182 -4.50 1.38 -11.55
N VAL A 183 -3.46 1.08 -10.75
CA VAL A 183 -2.77 -0.21 -10.89
C VAL A 183 -3.70 -1.37 -10.59
N PHE A 184 -4.52 -1.24 -9.53
CA PHE A 184 -5.56 -2.22 -9.24
C PHE A 184 -6.43 -2.46 -10.48
N HIS A 185 -6.92 -1.36 -11.09
CA HIS A 185 -7.80 -1.53 -12.25
C HIS A 185 -7.06 -2.26 -13.38
N TYR A 186 -5.79 -1.92 -13.63
CA TYR A 186 -5.07 -2.45 -14.77
C TYR A 186 -4.67 -3.91 -14.55
N GLU A 187 -4.13 -4.21 -13.36
CA GLU A 187 -3.48 -5.49 -13.10
C GLU A 187 -4.38 -6.51 -12.43
N ILE A 188 -5.40 -6.08 -11.69
CA ILE A 188 -6.22 -6.98 -10.88
C ILE A 188 -7.62 -7.12 -11.45
N ALA A 189 -8.24 -6.00 -11.77
CA ALA A 189 -9.65 -5.95 -12.13
C ALA A 189 -9.88 -6.08 -13.63
N ASN A 190 -8.82 -6.25 -14.42
CA ASN A 190 -8.99 -6.39 -15.86
C ASN A 190 -9.79 -5.23 -16.45
N SER A 191 -9.48 -4.01 -15.99
CA SER A 191 -10.14 -2.78 -16.45
C SER A 191 -9.10 -1.78 -16.91
N PRO A 192 -8.34 -2.09 -17.96
CA PRO A 192 -7.31 -1.11 -18.38
C PRO A 192 -7.86 0.24 -18.77
N GLU A 193 -9.04 0.34 -19.37
CA GLU A 193 -9.53 1.66 -19.70
C GLU A 193 -9.84 2.48 -18.46
N GLU A 194 -10.36 1.84 -17.41
CA GLU A 194 -10.60 2.56 -16.17
C GLU A 194 -9.29 3.02 -15.55
N ALA A 195 -8.27 2.18 -15.66
CA ALA A 195 -6.96 2.53 -15.14
C ALA A 195 -6.41 3.75 -15.85
N ILE A 196 -6.53 3.77 -17.20
CA ILE A 196 -6.00 4.88 -17.99
C ILE A 196 -6.76 6.16 -17.70
N SER A 197 -8.09 6.08 -17.64
CA SER A 197 -8.91 7.25 -17.38
C SER A 197 -8.59 7.84 -16.02
N LEU A 198 -8.52 6.99 -14.99
CA LEU A 198 -8.20 7.46 -13.65
C LEU A 198 -6.82 8.12 -13.63
N ALA A 199 -5.81 7.48 -14.22
CA ALA A 199 -4.47 8.06 -14.20
C ALA A 199 -4.41 9.39 -14.94
N LYS A 200 -5.08 9.48 -16.11
CA LYS A 200 -5.07 10.71 -16.89
C LYS A 200 -5.78 11.84 -16.16
N THR A 201 -6.99 11.60 -15.66
CA THR A 201 -7.75 12.62 -14.93
C THR A 201 -6.99 13.08 -13.70
N THR A 202 -6.41 12.13 -12.96
CA THR A 202 -5.62 12.48 -11.78
C THR A 202 -4.45 13.38 -12.16
N PHE A 203 -3.69 12.97 -13.18
CA PHE A 203 -2.54 13.76 -13.59
C PHE A 203 -2.95 15.17 -14.00
N ASP A 204 -3.98 15.27 -14.84
CA ASP A 204 -4.40 16.56 -15.37
C ASP A 204 -4.92 17.48 -14.27
N GLU A 205 -5.66 16.96 -13.31
CA GLU A 205 -6.22 17.81 -12.27
C GLU A 205 -5.13 18.26 -11.32
N ALA A 206 -4.12 17.43 -11.11
CA ALA A 206 -2.96 17.82 -10.33
C ALA A 206 -2.17 18.91 -11.05
N MET A 207 -1.94 18.74 -12.35
CA MET A 207 -1.15 19.69 -13.09
C MET A 207 -1.76 21.08 -13.00
N ALA A 208 -3.09 21.18 -13.08
CA ALA A 208 -3.82 22.43 -12.99
C ALA A 208 -3.75 23.09 -11.62
N ASP A 209 -3.38 22.34 -10.57
CA ASP A 209 -3.27 22.85 -9.20
C ASP A 209 -1.84 23.14 -8.78
N LEU A 210 -0.84 22.81 -9.58
CA LEU A 210 0.56 22.98 -9.16
C LEU A 210 0.90 24.44 -8.84
N HIS A 211 0.21 25.37 -9.49
CA HIS A 211 0.52 26.79 -9.32
C HIS A 211 0.28 27.25 -7.89
N THR A 212 -0.50 26.50 -7.10
CA THR A 212 -0.80 26.88 -5.72
C THR A 212 0.27 26.45 -4.74
N LEU A 213 1.27 25.70 -5.17
CA LEU A 213 2.20 25.02 -4.27
C LEU A 213 3.50 25.78 -4.11
N SER A 214 4.09 25.64 -2.93
CA SER A 214 5.48 26.02 -2.69
C SER A 214 6.42 25.13 -3.48
N GLU A 215 7.70 25.51 -3.48
CA GLU A 215 8.72 24.71 -4.15
C GLU A 215 8.75 23.30 -3.60
N ASP A 216 8.72 23.16 -2.27
CA ASP A 216 8.84 21.83 -1.67
C ASP A 216 7.62 20.98 -1.99
N SER A 217 6.42 21.56 -1.83
CA SER A 217 5.21 20.80 -2.16
C SER A 217 5.16 20.44 -3.63
N TYR A 218 5.61 21.37 -4.49
CA TYR A 218 5.65 21.09 -5.92
C TYR A 218 6.52 19.87 -6.19
N LYS A 219 7.67 19.76 -5.50
CA LYS A 219 8.49 18.58 -5.69
C LYS A 219 7.78 17.32 -5.22
N ASP A 220 7.09 17.40 -4.06
CA ASP A 220 6.38 16.22 -3.55
C ASP A 220 5.34 15.75 -4.55
N SER A 221 4.51 16.67 -5.06
CA SER A 221 3.43 16.28 -5.95
C SER A 221 3.95 15.80 -7.31
N THR A 222 4.92 16.50 -7.88
CA THR A 222 5.36 16.14 -9.22
C THR A 222 6.08 14.79 -9.23
N LEU A 223 6.73 14.41 -8.13
CA LEU A 223 7.33 13.08 -8.09
C LEU A 223 6.28 12.00 -8.32
N ILE A 224 5.10 12.12 -7.71
CA ILE A 224 4.06 11.10 -7.90
C ILE A 224 3.38 11.27 -9.25
N MET A 225 3.23 12.50 -9.72
CA MET A 225 2.64 12.70 -11.03
C MET A 225 3.49 12.03 -12.09
N GLN A 226 4.82 12.03 -11.90
CA GLN A 226 5.68 11.34 -12.85
C GLN A 226 5.35 9.86 -12.93
N LEU A 227 5.13 9.22 -11.79
CA LEU A 227 4.74 7.81 -11.74
C LEU A 227 3.45 7.54 -12.51
N LEU A 228 2.47 8.44 -12.37
CA LEU A 228 1.25 8.32 -13.17
C LEU A 228 1.59 8.37 -14.66
N ARG A 229 2.47 9.31 -15.03
CA ARG A 229 2.89 9.41 -16.42
C ARG A 229 3.61 8.16 -16.90
N ASP A 230 4.51 7.60 -16.07
CA ASP A 230 5.22 6.41 -16.55
C ASP A 230 4.28 5.24 -16.78
N ASN A 231 3.26 5.09 -15.95
CA ASN A 231 2.23 4.09 -16.24
C ASN A 231 1.47 4.40 -17.50
N LEU A 232 1.02 5.65 -17.67
CA LEU A 232 0.30 5.98 -18.89
C LEU A 232 1.14 5.70 -20.13
N THR A 233 2.46 5.94 -20.04
CA THR A 233 3.34 5.65 -21.18
C THR A 233 3.44 4.16 -21.45
N LEU A 234 3.47 3.33 -20.40
CA LEU A 234 3.51 1.89 -20.61
C LEU A 234 2.16 1.36 -21.08
N TRP A 235 1.06 2.02 -20.72
CA TRP A 235 -0.27 1.49 -21.01
C TRP A 235 -0.84 2.00 -22.33
N THR A 236 -0.22 3.02 -22.93
CA THR A 236 -0.77 3.61 -24.14
C THR A 236 0.28 3.68 -25.24
N GLY B 6 3.46 0.81 -12.56
CA GLY B 6 3.79 0.34 -11.23
C GLY B 6 3.15 1.19 -10.15
N ILE B 8 3.04 2.94 -6.13
CA ILE B 8 3.97 3.65 -5.23
C ILE B 8 5.03 2.72 -4.70
N PRO B 9 6.33 3.02 -4.88
CA PRO B 9 7.34 2.14 -4.28
C PRO B 9 7.11 2.02 -2.76
N GLY B 10 7.03 3.17 -2.09
CA GLY B 10 6.60 3.19 -0.70
C GLY B 10 7.55 2.51 0.27
N ARG B 11 8.81 2.35 -0.09
CA ARG B 11 9.73 1.56 0.73
C ARG B 11 10.82 2.36 1.42
N ARG B 12 10.75 3.69 1.38
CA ARG B 12 11.72 4.54 2.08
C ARG B 12 10.96 5.68 2.75
N SER B 13 11.25 5.91 4.04
CA SER B 13 10.49 6.92 4.77
C SER B 13 10.95 8.33 4.35
#